data_8XZC
#
_entry.id   8XZC
#
_cell.length_a   79.935
_cell.length_b   115.526
_cell.length_c   124.434
_cell.angle_alpha   90.000
_cell.angle_beta   90.000
_cell.angle_gamma   90.000
#
_symmetry.space_group_name_H-M   'I 2 2 2'
#
loop_
_entity.id
_entity.type
_entity.pdbx_description
1 polymer 'Xaa-Arg dipeptidase'
2 non-polymer 'PHOSPHATE ION'
3 non-polymer 'ZINC ION'
4 water water
#
_entity_poly.entity_id   1
_entity_poly.type   'polypeptide(L)'
_entity_poly.pdbx_seq_one_letter_code
;MASWSHPQFEGGSSHHHHHHSSGSGGGGGENLYFQGSLELLKLRSAECIDEAAERLGALSRAIWSQPELAYEEHHAHRVL
THFFEREPPAASWAVQPHYQLPTAFRAEWEPPEARAPSATPRPLHLGFLCEYDALPGIGHACGHNLIAEVGAAAALGVRG
ALEGLPRPPPPVKVVVLGTPAEEDGGGKIDLIEAGAFTNLDVVFMAHPSQENAAYLPDMAEHDVTVKYYGKASHSASYPW
EGLNALDAAVLAYNNLSVFRQQMKPTWRVHGIIKNGGVKPNIIPSYSELIYYFRAPSMKELQVLTKKAEDCFRAAALASG
CTVEIKGGAHDFYNVLPNKSLWKAYMENGRKLGIEFISEDTMLNGPSGSTDFGNVSFVVPGIHPYFHIGSNALNHTEQYT
EAAGSQEAQFYTLRTAKALAMTALDVIFKPELLEGIREDFKLKLQEEQFVNAVE
;
_entity_poly.pdbx_strand_id   A
#
loop_
_chem_comp.id
_chem_comp.type
_chem_comp.name
_chem_comp.formula
PO4 non-polymer 'PHOSPHATE ION' 'O4 P -3'
ZN non-polymer 'ZINC ION' 'Zn 2'
#
# COMPACT_ATOMS: atom_id res chain seq x y z
N LEU A 32 -25.24 -18.91 -14.77
CA LEU A 32 -25.28 -19.74 -15.96
C LEU A 32 -25.87 -19.01 -17.15
N TYR A 33 -26.54 -19.76 -18.02
CA TYR A 33 -27.19 -19.21 -19.22
C TYR A 33 -28.53 -18.60 -18.85
N PHE A 34 -28.48 -17.65 -17.92
CA PHE A 34 -29.66 -17.00 -17.37
C PHE A 34 -29.57 -15.50 -17.59
N GLN A 35 -30.73 -14.88 -17.83
CA GLN A 35 -30.80 -13.45 -18.09
C GLN A 35 -30.22 -12.63 -16.93
N GLY A 36 -29.09 -11.96 -17.18
CA GLY A 36 -28.48 -11.12 -16.17
C GLY A 36 -27.86 -11.86 -15.00
N SER A 37 -27.18 -12.98 -15.27
CA SER A 37 -26.53 -13.71 -14.20
C SER A 37 -25.29 -12.98 -13.71
N LEU A 38 -24.91 -13.25 -12.46
CA LEU A 38 -23.66 -12.70 -11.95
C LEU A 38 -22.48 -13.22 -12.74
N GLU A 39 -22.53 -14.49 -13.17
CA GLU A 39 -21.49 -15.03 -14.02
C GLU A 39 -21.40 -14.28 -15.34
N LEU A 40 -22.54 -13.79 -15.85
CA LEU A 40 -22.51 -13.04 -17.09
C LEU A 40 -21.94 -11.64 -16.89
N LEU A 41 -22.27 -10.99 -15.77
CA LEU A 41 -21.68 -9.70 -15.47
C LEU A 41 -20.18 -9.81 -15.27
N LYS A 42 -19.73 -10.89 -14.63
CA LYS A 42 -18.30 -11.12 -14.46
C LYS A 42 -17.61 -11.26 -15.81
N LEU A 43 -18.26 -11.93 -16.77
CA LEU A 43 -17.70 -12.03 -18.12
C LEU A 43 -17.61 -10.65 -18.76
N ARG A 44 -18.66 -9.83 -18.61
CA ARG A 44 -18.64 -8.48 -19.17
C ARG A 44 -17.43 -7.68 -18.67
N SER A 45 -17.16 -7.75 -17.36
CA SER A 45 -16.04 -7.01 -16.80
C SER A 45 -14.71 -7.49 -17.37
N ALA A 46 -14.58 -8.79 -17.62
CA ALA A 46 -13.36 -9.31 -18.23
C ALA A 46 -13.24 -8.87 -19.68
N GLU A 47 -14.36 -8.84 -20.41
CA GLU A 47 -14.35 -8.33 -21.77
C GLU A 47 -14.02 -6.84 -21.79
N CYS A 48 -14.56 -6.08 -20.84
N CYS A 48 -14.57 -6.08 -20.85
CA CYS A 48 -14.28 -4.65 -20.80
CA CYS A 48 -14.29 -4.65 -20.77
C CYS A 48 -12.81 -4.38 -20.48
C CYS A 48 -12.81 -4.38 -20.48
N ILE A 49 -12.17 -5.26 -19.70
CA ILE A 49 -10.75 -5.08 -19.41
C ILE A 49 -9.90 -5.45 -20.61
N ASP A 50 -10.27 -6.53 -21.31
CA ASP A 50 -9.51 -6.92 -22.51
C ASP A 50 -9.61 -5.85 -23.60
N GLU A 51 -10.80 -5.24 -23.76
CA GLU A 51 -10.97 -4.18 -24.75
C GLU A 51 -10.08 -2.97 -24.43
N ALA A 52 -9.82 -2.69 -23.16
CA ALA A 52 -9.03 -1.56 -22.75
C ALA A 52 -7.56 -1.90 -22.53
N ALA A 53 -7.12 -3.07 -22.97
CA ALA A 53 -5.75 -3.50 -22.72
C ALA A 53 -4.73 -2.53 -23.32
N GLU A 54 -4.99 -2.07 -24.55
CA GLU A 54 -4.02 -1.22 -25.24
C GLU A 54 -3.77 0.07 -24.47
N ARG A 55 -4.83 0.81 -24.13
CA ARG A 55 -4.64 2.07 -23.42
C ARG A 55 -4.23 1.86 -21.96
N LEU A 56 -4.57 0.73 -21.36
CA LEU A 56 -4.08 0.44 -20.02
C LEU A 56 -2.58 0.15 -20.04
N GLY A 57 -2.11 -0.53 -21.08
CA GLY A 57 -0.68 -0.72 -21.24
C GLY A 57 0.05 0.59 -21.44
N ALA A 58 -0.54 1.50 -22.21
CA ALA A 58 0.04 2.83 -22.39
C ALA A 58 0.14 3.55 -21.05
N LEU A 59 -0.87 3.41 -20.20
CA LEU A 59 -0.85 4.05 -18.89
C LEU A 59 0.32 3.54 -18.05
N SER A 60 0.52 2.21 -18.02
CA SER A 60 1.65 1.65 -17.29
C SER A 60 2.97 2.15 -17.87
N ARG A 61 3.06 2.19 -19.20
CA ARG A 61 4.31 2.61 -19.85
C ARG A 61 4.64 4.06 -19.53
N ALA A 62 3.61 4.92 -19.44
CA ALA A 62 3.85 6.34 -19.18
C ALA A 62 4.44 6.55 -17.78
N ILE A 63 3.98 5.78 -16.81
CA ILE A 63 4.49 5.92 -15.44
C ILE A 63 5.84 5.22 -15.30
N TRP A 64 5.99 4.04 -15.90
CA TRP A 64 7.25 3.30 -15.79
C TRP A 64 8.40 4.07 -16.41
N SER A 65 8.17 4.69 -17.58
CA SER A 65 9.25 5.35 -18.31
C SER A 65 9.71 6.65 -17.66
N GLN A 66 8.93 7.21 -16.74
CA GLN A 66 9.25 8.46 -16.07
C GLN A 66 9.14 8.26 -14.56
N PRO A 67 10.09 7.56 -13.95
CA PRO A 67 9.99 7.26 -12.52
C PRO A 67 10.07 8.52 -11.67
N GLU A 68 9.18 8.64 -10.69
CA GLU A 68 9.11 9.79 -9.81
C GLU A 68 9.01 9.32 -8.36
N LEU A 69 9.62 10.10 -7.46
CA LEU A 69 9.74 9.73 -6.05
C LEU A 69 8.54 10.24 -5.25
N ALA A 70 8.54 9.91 -3.96
CA ALA A 70 7.43 10.23 -3.07
C ALA A 70 7.11 11.73 -3.08
N TYR A 71 5.82 12.05 -3.26
CA TYR A 71 5.31 13.41 -3.25
C TYR A 71 5.82 14.24 -4.43
N GLU A 72 6.57 13.62 -5.33
CA GLU A 72 7.06 14.29 -6.54
C GLU A 72 6.44 13.73 -7.81
N GLU A 73 5.37 12.95 -7.69
CA GLU A 73 4.77 12.26 -8.83
C GLU A 73 3.83 13.19 -9.61
N HIS A 74 4.39 14.29 -10.10
CA HIS A 74 3.59 15.26 -10.85
C HIS A 74 3.18 14.72 -12.21
N HIS A 75 4.11 14.06 -12.91
CA HIS A 75 3.79 13.53 -14.23
C HIS A 75 2.79 12.38 -14.14
N ALA A 76 2.99 11.46 -13.18
CA ALA A 76 2.05 10.37 -13.00
C ALA A 76 0.67 10.90 -12.61
N HIS A 77 0.63 11.96 -11.81
CA HIS A 77 -0.66 12.57 -11.48
C HIS A 77 -1.36 13.11 -12.72
N ARG A 78 -0.61 13.76 -13.61
CA ARG A 78 -1.18 14.26 -14.85
C ARG A 78 -1.70 13.11 -15.72
N VAL A 79 -0.90 12.04 -15.86
CA VAL A 79 -1.28 10.93 -16.72
C VAL A 79 -2.54 10.25 -16.21
N LEU A 80 -2.63 10.03 -14.90
CA LEU A 80 -3.77 9.30 -14.35
C LEU A 80 -5.04 10.14 -14.37
N THR A 81 -4.92 11.44 -14.05
CA THR A 81 -6.11 12.30 -14.11
C THR A 81 -6.61 12.43 -15.53
N HIS A 82 -5.70 12.57 -16.50
CA HIS A 82 -6.11 12.62 -17.90
C HIS A 82 -6.72 11.31 -18.35
N PHE A 83 -6.25 10.18 -17.80
CA PHE A 83 -6.80 8.88 -18.19
C PHE A 83 -8.28 8.78 -17.87
N PHE A 84 -8.67 9.14 -16.65
CA PHE A 84 -10.08 9.05 -16.26
C PHE A 84 -10.92 10.17 -16.86
N GLU A 85 -10.31 11.30 -17.21
CA GLU A 85 -11.05 12.36 -17.89
C GLU A 85 -11.37 11.98 -19.34
N ARG A 86 -10.53 11.15 -19.96
CA ARG A 86 -10.71 10.78 -21.35
C ARG A 86 -11.57 9.53 -21.55
N GLU A 87 -11.88 8.81 -20.47
CA GLU A 87 -12.72 7.63 -20.60
C GLU A 87 -14.10 8.03 -21.13
N PRO A 88 -14.59 7.41 -22.18
CA PRO A 88 -15.84 7.86 -22.82
C PRO A 88 -17.06 7.39 -22.04
N PRO A 89 -18.10 8.22 -21.94
CA PRO A 89 -18.22 9.60 -22.46
C PRO A 89 -17.36 10.56 -21.65
N ALA A 90 -16.94 11.67 -22.25
CA ALA A 90 -16.08 12.62 -21.55
C ALA A 90 -16.75 13.13 -20.29
N ALA A 91 -15.97 13.22 -19.22
CA ALA A 91 -16.41 13.68 -17.90
C ALA A 91 -17.42 12.74 -17.24
N SER A 92 -17.65 11.54 -17.80
CA SER A 92 -18.49 10.57 -17.10
C SER A 92 -17.83 10.10 -15.82
N TRP A 93 -16.50 10.07 -15.76
CA TRP A 93 -15.78 9.96 -14.50
C TRP A 93 -15.61 11.36 -13.92
N ALA A 94 -16.06 11.54 -12.68
CA ALA A 94 -15.91 12.81 -11.99
C ALA A 94 -14.51 12.85 -11.36
N VAL A 95 -13.60 13.62 -11.96
CA VAL A 95 -12.20 13.62 -11.57
C VAL A 95 -11.91 14.85 -10.73
N GLN A 96 -11.27 14.65 -9.58
CA GLN A 96 -10.82 15.73 -8.71
C GLN A 96 -9.30 15.69 -8.61
N PRO A 97 -8.58 16.50 -9.37
CA PRO A 97 -7.13 16.52 -9.25
C PRO A 97 -6.68 17.26 -7.99
N HIS A 98 -5.44 16.99 -7.61
CA HIS A 98 -4.82 17.63 -6.43
C HIS A 98 -5.65 17.41 -5.19
N TYR A 99 -6.29 16.23 -5.09
CA TYR A 99 -7.16 15.90 -3.97
C TYR A 99 -6.32 15.78 -2.69
N GLN A 100 -6.42 16.79 -1.83
CA GLN A 100 -5.72 16.85 -0.54
C GLN A 100 -4.21 16.95 -0.72
N LEU A 101 -3.61 16.00 -1.46
CA LEU A 101 -2.19 16.14 -1.77
C LEU A 101 -2.01 16.65 -3.19
N PRO A 102 -0.91 17.34 -3.47
CA PRO A 102 -0.69 17.85 -4.84
C PRO A 102 -0.69 16.78 -5.92
N THR A 103 -0.13 15.60 -5.65
CA THR A 103 -0.06 14.53 -6.63
C THR A 103 -1.11 13.46 -6.43
N ALA A 104 -2.00 13.61 -5.44
CA ALA A 104 -3.10 12.67 -5.27
C ALA A 104 -4.29 13.11 -6.11
N PHE A 105 -5.23 12.18 -6.32
CA PHE A 105 -6.41 12.47 -7.11
C PHE A 105 -7.54 11.54 -6.67
N ARG A 106 -8.74 11.86 -7.15
CA ARG A 106 -9.93 11.08 -6.85
C ARG A 106 -10.84 11.08 -8.07
N ALA A 107 -11.30 9.88 -8.46
CA ALA A 107 -12.19 9.71 -9.60
C ALA A 107 -13.37 8.85 -9.16
N GLU A 108 -14.58 9.27 -9.55
CA GLU A 108 -15.81 8.60 -9.12
C GLU A 108 -16.74 8.39 -10.30
N TRP A 109 -17.40 7.24 -10.31
CA TRP A 109 -18.45 6.95 -11.28
C TRP A 109 -19.59 6.21 -10.61
N GLU A 110 -20.80 6.50 -11.06
CA GLU A 110 -22.01 5.82 -10.60
C GLU A 110 -23.00 5.82 -11.76
N PRO A 111 -23.96 4.89 -11.76
CA PRO A 111 -25.04 4.95 -12.75
C PRO A 111 -25.84 6.23 -12.59
N PRO A 112 -25.96 7.03 -13.66
CA PRO A 112 -26.68 8.33 -13.58
C PRO A 112 -28.20 8.23 -13.68
N GLU A 113 -28.82 7.78 -12.59
CA GLU A 113 -30.26 7.65 -12.45
C GLU A 113 -30.55 7.31 -10.98
N ALA A 114 -31.70 7.76 -10.46
CA ALA A 114 -31.87 7.95 -9.02
C ALA A 114 -32.98 7.12 -8.37
N ARG A 115 -34.14 6.96 -9.01
CA ARG A 115 -35.23 6.10 -8.50
C ARG A 115 -35.86 6.58 -7.19
N ALA A 116 -35.04 6.82 -6.15
CA ALA A 116 -35.42 7.28 -4.81
C ALA A 116 -36.11 6.19 -4.01
N PRO A 117 -35.36 5.41 -3.21
CA PRO A 117 -35.88 4.32 -2.39
C PRO A 117 -36.48 4.81 -1.07
N PRO A 121 -31.53 2.44 1.92
CA PRO A 121 -31.33 3.19 0.68
C PRO A 121 -29.93 3.80 0.56
N ARG A 122 -28.95 3.19 1.23
CA ARG A 122 -27.58 3.70 1.19
C ARG A 122 -26.80 3.02 0.08
N PRO A 123 -26.21 3.75 -0.85
CA PRO A 123 -25.45 3.11 -1.93
C PRO A 123 -24.17 2.49 -1.40
N LEU A 124 -23.69 1.50 -2.14
CA LEU A 124 -22.43 0.83 -1.82
C LEU A 124 -21.28 1.59 -2.42
N HIS A 125 -20.26 1.89 -1.61
CA HIS A 125 -19.06 2.60 -2.04
C HIS A 125 -17.90 1.60 -2.13
N LEU A 126 -17.35 1.43 -3.34
CA LEU A 126 -16.26 0.49 -3.59
C LEU A 126 -15.04 1.27 -4.03
N GLY A 127 -13.94 1.12 -3.30
CA GLY A 127 -12.73 1.88 -3.55
C GLY A 127 -11.65 1.05 -4.21
N PHE A 128 -10.90 1.68 -5.12
CA PHE A 128 -9.74 1.08 -5.78
C PHE A 128 -8.59 2.08 -5.71
N LEU A 129 -7.42 1.61 -5.25
CA LEU A 129 -6.27 2.48 -5.03
C LEU A 129 -5.24 2.34 -6.13
N CYS A 130 -4.65 3.46 -6.51
CA CYS A 130 -3.55 3.51 -7.47
C CYS A 130 -2.31 4.05 -6.76
N GLU A 131 -1.23 3.27 -6.78
CA GLU A 131 0.08 3.74 -6.35
C GLU A 131 0.93 4.03 -7.57
N TYR A 132 1.91 4.93 -7.42
CA TYR A 132 2.71 5.30 -8.58
C TYR A 132 4.07 5.92 -8.24
N ASP A 133 4.61 5.75 -7.03
CA ASP A 133 5.91 6.31 -6.70
C ASP A 133 6.99 5.25 -6.88
N ALA A 134 8.16 5.69 -7.34
CA ALA A 134 9.26 4.81 -7.68
C ALA A 134 10.32 4.81 -6.56
N LEU A 135 11.48 4.24 -6.85
CA LEU A 135 12.57 4.12 -5.90
C LEU A 135 13.80 4.89 -6.39
N PRO A 136 14.57 5.47 -5.47
CA PRO A 136 15.75 6.26 -5.88
C PRO A 136 16.77 5.41 -6.61
N GLY A 137 17.14 5.86 -7.80
CA GLY A 137 18.20 5.20 -8.57
C GLY A 137 17.80 4.04 -9.45
N ILE A 138 17.07 3.07 -8.89
CA ILE A 138 16.72 1.86 -9.63
C ILE A 138 15.40 1.97 -10.37
N GLY A 139 14.65 3.05 -10.19
CA GLY A 139 13.40 3.22 -10.89
C GLY A 139 12.25 2.47 -10.25
N HIS A 140 11.37 1.89 -11.07
CA HIS A 140 10.16 1.22 -10.57
C HIS A 140 10.45 -0.24 -10.25
N ALA A 141 11.35 -0.44 -9.30
CA ALA A 141 11.78 -1.78 -8.89
C ALA A 141 10.76 -2.49 -8.02
N CYS A 142 9.68 -1.81 -7.62
CA CYS A 142 8.57 -2.44 -6.92
C CYS A 142 7.35 -2.62 -7.82
N GLY A 143 7.48 -2.31 -9.12
CA GLY A 143 6.36 -2.48 -10.04
C GLY A 143 5.16 -1.62 -9.71
N HIS A 144 5.37 -0.42 -9.17
CA HIS A 144 4.25 0.44 -8.81
C HIS A 144 3.50 0.95 -10.03
N ASN A 145 4.14 1.00 -11.20
CA ASN A 145 3.40 1.30 -12.42
C ASN A 145 2.28 0.31 -12.65
N LEU A 146 2.50 -0.96 -12.31
CA LEU A 146 1.46 -1.97 -12.48
C LEU A 146 0.37 -1.84 -11.43
N ILE A 147 0.68 -1.29 -10.25
CA ILE A 147 -0.35 -1.08 -9.24
C ILE A 147 -1.34 -0.02 -9.71
N ALA A 148 -0.85 1.09 -10.26
CA ALA A 148 -1.74 2.08 -10.85
C ALA A 148 -2.59 1.45 -11.95
N GLU A 149 -1.98 0.63 -12.80
CA GLU A 149 -2.71 0.00 -13.91
C GLU A 149 -3.82 -0.91 -13.39
N VAL A 150 -3.48 -1.78 -12.44
CA VAL A 150 -4.45 -2.75 -11.95
C VAL A 150 -5.61 -2.06 -11.24
N GLY A 151 -5.35 -0.96 -10.54
CA GLY A 151 -6.44 -0.24 -9.89
C GLY A 151 -7.34 0.45 -10.89
N ALA A 152 -6.74 1.05 -11.93
CA ALA A 152 -7.55 1.64 -12.99
C ALA A 152 -8.34 0.57 -13.74
N ALA A 153 -7.70 -0.57 -14.01
CA ALA A 153 -8.35 -1.61 -14.80
C ALA A 153 -9.52 -2.23 -14.06
N ALA A 154 -9.32 -2.58 -12.79
CA ALA A 154 -10.40 -3.14 -11.99
C ALA A 154 -11.62 -2.24 -11.99
N ALA A 155 -11.41 -0.95 -11.76
CA ALA A 155 -12.52 0.00 -11.71
C ALA A 155 -13.18 0.16 -13.08
N LEU A 156 -12.38 0.17 -14.14
CA LEU A 156 -12.95 0.20 -15.49
C LEU A 156 -13.84 -1.02 -15.72
N GLY A 157 -13.35 -2.21 -15.33
CA GLY A 157 -14.12 -3.42 -15.55
C GLY A 157 -15.43 -3.44 -14.79
N VAL A 158 -15.42 -2.93 -13.55
CA VAL A 158 -16.65 -2.89 -12.76
C VAL A 158 -17.68 -2.01 -13.44
N ARG A 159 -17.27 -0.81 -13.87
CA ARG A 159 -18.21 0.11 -14.50
C ARG A 159 -18.82 -0.50 -15.75
N GLY A 160 -18.01 -1.13 -16.59
CA GLY A 160 -18.51 -1.70 -17.82
C GLY A 160 -19.48 -2.85 -17.61
N ALA A 161 -19.30 -3.61 -16.52
CA ALA A 161 -20.25 -4.68 -16.20
C ALA A 161 -21.59 -4.11 -15.75
N LEU A 162 -21.57 -3.01 -15.00
CA LEU A 162 -22.78 -2.37 -14.53
C LEU A 162 -23.41 -1.44 -15.56
N GLU A 163 -22.62 -0.90 -16.49
CA GLU A 163 -23.18 -0.05 -17.54
C GLU A 163 -24.04 -0.85 -18.51
N GLY A 164 -23.62 -2.08 -18.81
CA GLY A 164 -24.39 -2.94 -19.69
C GLY A 164 -25.44 -3.72 -18.95
N LEU A 165 -26.33 -3.02 -18.24
CA LEU A 165 -27.38 -3.64 -17.46
C LEU A 165 -28.70 -2.93 -17.73
N PRO A 166 -29.77 -3.66 -18.05
CA PRO A 166 -31.07 -3.02 -18.29
C PRO A 166 -31.82 -2.77 -17.00
N ARG A 167 -32.14 -3.84 -16.27
CA ARG A 167 -32.77 -3.75 -14.96
C ARG A 167 -32.01 -2.76 -14.09
N PRO A 168 -32.69 -1.75 -13.53
CA PRO A 168 -32.02 -0.70 -12.75
C PRO A 168 -30.96 -1.28 -11.82
N PRO A 169 -29.72 -0.79 -11.94
CA PRO A 169 -28.62 -1.43 -11.21
C PRO A 169 -28.66 -1.04 -9.74
N PRO A 170 -28.13 -1.89 -8.86
CA PRO A 170 -28.12 -1.55 -7.44
C PRO A 170 -27.31 -0.30 -7.20
N PRO A 171 -27.62 0.44 -6.15
CA PRO A 171 -26.90 1.70 -5.89
C PRO A 171 -25.45 1.45 -5.55
N VAL A 172 -24.55 1.79 -6.48
CA VAL A 172 -23.12 1.58 -6.30
C VAL A 172 -22.39 2.84 -6.77
N LYS A 173 -21.33 3.20 -6.05
CA LYS A 173 -20.40 4.25 -6.48
C LYS A 173 -19.00 3.64 -6.54
N VAL A 174 -18.39 3.69 -7.71
CA VAL A 174 -17.01 3.23 -7.90
C VAL A 174 -16.09 4.42 -7.66
N VAL A 175 -15.20 4.29 -6.68
CA VAL A 175 -14.29 5.36 -6.27
C VAL A 175 -12.85 4.91 -6.51
N VAL A 176 -12.08 5.73 -7.24
CA VAL A 176 -10.66 5.53 -7.44
C VAL A 176 -9.91 6.62 -6.68
N LEU A 177 -8.90 6.22 -5.92
CA LEU A 177 -8.08 7.13 -5.13
C LEU A 177 -6.62 6.96 -5.53
N GLY A 178 -6.01 8.03 -6.05
CA GLY A 178 -4.58 8.02 -6.25
C GLY A 178 -3.85 8.30 -4.95
N THR A 179 -3.06 7.33 -4.47
CA THR A 179 -2.38 7.46 -3.19
C THR A 179 -0.87 7.55 -3.40
N PRO A 180 -0.30 8.74 -3.43
CA PRO A 180 1.15 8.86 -3.65
C PRO A 180 1.95 8.39 -2.44
N ALA A 181 3.26 8.34 -2.63
CA ALA A 181 4.24 8.21 -1.55
C ALA A 181 3.97 6.97 -0.67
N GLU A 182 4.03 5.79 -1.30
CA GLU A 182 3.94 4.57 -0.52
C GLU A 182 5.29 4.19 0.09
N GLU A 183 6.38 4.35 -0.68
CA GLU A 183 7.68 3.91 -0.20
C GLU A 183 8.23 4.80 0.90
N ASP A 184 7.71 6.01 1.06
CA ASP A 184 8.22 6.97 2.04
C ASP A 184 7.11 7.95 2.35
N GLY A 185 6.83 8.14 3.64
CA GLY A 185 5.80 9.08 4.05
C GLY A 185 4.47 8.42 4.34
N GLY A 186 3.90 7.73 3.35
CA GLY A 186 2.60 7.11 3.51
C GLY A 186 1.45 8.00 3.10
N GLY A 187 1.19 8.10 1.79
CA GLY A 187 0.17 9.00 1.31
C GLY A 187 -1.23 8.60 1.69
N LYS A 188 -1.48 7.30 1.86
CA LYS A 188 -2.79 6.85 2.30
C LYS A 188 -3.13 7.43 3.67
N ILE A 189 -2.12 7.58 4.54
CA ILE A 189 -2.35 8.11 5.88
C ILE A 189 -2.75 9.57 5.82
N ASP A 190 -2.10 10.36 4.95
CA ASP A 190 -2.53 11.73 4.74
C ASP A 190 -3.98 11.77 4.24
N LEU A 191 -4.34 10.82 3.38
CA LEU A 191 -5.72 10.77 2.88
C LEU A 191 -6.68 10.35 3.99
N ILE A 192 -6.26 9.45 4.87
CA ILE A 192 -7.10 9.05 6.00
C ILE A 192 -7.40 10.25 6.89
N GLU A 193 -6.39 11.09 7.14
CA GLU A 193 -6.58 12.26 8.01
C GLU A 193 -7.51 13.30 7.38
N ALA A 194 -7.67 13.28 6.06
CA ALA A 194 -8.63 14.15 5.40
C ALA A 194 -10.03 13.54 5.32
N GLY A 195 -10.21 12.33 5.85
CA GLY A 195 -11.50 11.67 5.79
C GLY A 195 -11.81 11.00 4.48
N ALA A 196 -10.80 10.72 3.65
CA ALA A 196 -11.04 10.15 2.33
C ALA A 196 -11.64 8.75 2.38
N PHE A 197 -11.44 8.01 3.47
CA PHE A 197 -11.88 6.63 3.58
C PHE A 197 -13.11 6.46 4.46
N THR A 198 -13.62 7.53 5.07
CA THR A 198 -14.68 7.40 6.05
C THR A 198 -15.99 6.88 5.46
N ASN A 199 -16.18 6.99 4.14
CA ASN A 199 -17.43 6.59 3.51
C ASN A 199 -17.24 5.46 2.50
N LEU A 200 -16.13 4.73 2.58
CA LEU A 200 -15.92 3.56 1.74
C LEU A 200 -16.36 2.30 2.48
N ASP A 201 -16.99 1.39 1.75
CA ASP A 201 -17.42 0.14 2.36
C ASP A 201 -16.39 -0.98 2.16
N VAL A 202 -15.76 -1.03 0.99
CA VAL A 202 -14.72 -2.01 0.67
C VAL A 202 -13.67 -1.29 -0.17
N VAL A 203 -12.41 -1.70 -0.02
CA VAL A 203 -11.31 -1.12 -0.77
C VAL A 203 -10.45 -2.23 -1.36
N PHE A 204 -10.07 -2.08 -2.63
CA PHE A 204 -9.30 -3.07 -3.37
C PHE A 204 -8.01 -2.47 -3.92
N MET A 205 -6.97 -3.29 -3.98
CA MET A 205 -5.74 -2.99 -4.71
C MET A 205 -4.94 -4.29 -4.82
N ALA A 206 -3.89 -4.25 -5.64
CA ALA A 206 -3.05 -5.44 -5.83
C ALA A 206 -1.61 -5.01 -6.05
N HIS A 207 -0.68 -5.93 -5.75
CA HIS A 207 0.74 -5.60 -5.74
C HIS A 207 1.58 -6.68 -6.41
N PRO A 208 2.35 -6.34 -7.44
CA PRO A 208 3.16 -7.36 -8.13
C PRO A 208 4.30 -7.84 -7.25
N SER A 209 4.49 -9.15 -7.22
N SER A 209 4.49 -9.15 -7.22
CA SER A 209 5.54 -9.76 -6.40
CA SER A 209 5.54 -9.76 -6.40
C SER A 209 6.20 -10.91 -7.17
C SER A 209 6.21 -10.90 -7.17
N GLN A 210 6.42 -12.04 -6.49
CA GLN A 210 7.00 -13.21 -7.12
C GLN A 210 6.05 -14.39 -7.22
N GLU A 211 5.01 -14.45 -6.39
CA GLU A 211 4.03 -15.52 -6.45
C GLU A 211 2.64 -14.92 -6.27
N ASN A 212 1.61 -15.76 -6.41
CA ASN A 212 0.22 -15.34 -6.29
C ASN A 212 -0.31 -15.72 -4.91
N ALA A 213 -0.73 -14.72 -4.14
CA ALA A 213 -1.26 -14.94 -2.79
C ALA A 213 -2.33 -13.90 -2.50
N ALA A 214 -3.49 -14.37 -2.02
CA ALA A 214 -4.57 -13.45 -1.67
C ALA A 214 -4.23 -12.59 -0.47
N TYR A 215 -3.27 -13.01 0.35
CA TYR A 215 -2.84 -12.24 1.52
C TYR A 215 -1.41 -12.64 1.85
N LEU A 216 -0.64 -11.67 2.32
CA LEU A 216 0.73 -11.91 2.81
C LEU A 216 0.98 -10.99 4.00
N PRO A 217 1.66 -11.48 5.04
CA PRO A 217 1.81 -10.70 6.28
C PRO A 217 2.74 -9.51 6.17
N ASP A 218 2.18 -8.31 6.07
CA ASP A 218 2.92 -7.06 6.20
C ASP A 218 2.81 -6.57 7.64
N MET A 219 3.94 -6.23 8.24
CA MET A 219 3.99 -5.93 9.67
C MET A 219 3.81 -4.44 9.91
N ALA A 220 3.53 -4.10 11.17
CA ALA A 220 3.56 -2.71 11.58
C ALA A 220 5.01 -2.20 11.63
N GLU A 221 5.17 -0.89 11.58
CA GLU A 221 6.49 -0.29 11.52
C GLU A 221 6.50 1.02 12.29
N HIS A 222 7.62 1.29 12.97
CA HIS A 222 7.84 2.55 13.68
C HIS A 222 9.24 3.03 13.35
N ASP A 223 9.35 4.26 12.84
CA ASP A 223 10.63 4.88 12.52
C ASP A 223 11.07 5.79 13.67
N VAL A 224 12.38 5.94 13.82
CA VAL A 224 12.93 6.81 14.86
C VAL A 224 14.26 7.36 14.39
N THR A 225 14.56 8.58 14.83
CA THR A 225 15.85 9.23 14.63
C THR A 225 16.41 9.60 15.99
N VAL A 226 17.62 9.15 16.28
CA VAL A 226 18.26 9.33 17.59
C VAL A 226 19.46 10.25 17.43
N LYS A 227 19.50 11.32 18.23
CA LYS A 227 20.58 12.29 18.20
C LYS A 227 21.21 12.41 19.59
N TYR A 228 22.53 12.32 19.65
CA TYR A 228 23.27 12.42 20.89
C TYR A 228 24.07 13.71 20.91
N TYR A 229 24.10 14.37 22.07
CA TYR A 229 24.79 15.64 22.24
C TYR A 229 25.70 15.56 23.45
N GLY A 230 26.98 15.85 23.25
CA GLY A 230 27.93 15.87 24.35
C GLY A 230 28.59 17.22 24.54
N LYS A 231 29.91 17.21 24.74
CA LYS A 231 30.69 18.43 24.90
C LYS A 231 32.07 18.18 24.30
N ALA A 232 32.55 19.14 23.52
CA ALA A 232 33.82 18.97 22.82
C ALA A 232 35.02 19.32 23.71
N TYR A 238 41.40 19.23 27.00
CA TYR A 238 41.91 17.87 26.81
C TYR A 238 40.75 16.88 26.84
N PRO A 239 40.96 15.67 26.30
CA PRO A 239 39.84 14.72 26.18
C PRO A 239 39.22 14.30 27.50
N TRP A 240 39.89 14.50 28.65
CA TRP A 240 39.25 14.24 29.93
C TRP A 240 37.98 15.06 30.06
N GLU A 241 38.07 16.36 29.77
CA GLU A 241 36.91 17.24 29.72
C GLU A 241 36.19 17.01 28.40
N GLY A 242 35.58 15.83 28.30
CA GLY A 242 34.91 15.45 27.07
C GLY A 242 33.75 14.49 27.27
N LEU A 243 32.62 14.82 26.65
CA LEU A 243 31.51 13.89 26.51
C LEU A 243 31.51 13.40 25.07
N ASN A 244 31.68 12.09 24.87
CA ASN A 244 31.89 11.52 23.56
C ASN A 244 30.56 11.03 22.99
N ALA A 245 29.96 11.82 22.10
CA ALA A 245 28.71 11.41 21.46
C ALA A 245 28.90 10.24 20.51
N LEU A 246 30.13 9.99 20.03
CA LEU A 246 30.34 8.80 19.22
C LEU A 246 30.27 7.53 20.07
N ASP A 247 30.84 7.57 21.28
CA ASP A 247 30.65 6.47 22.22
C ASP A 247 29.17 6.16 22.41
N ALA A 248 28.36 7.21 22.57
CA ALA A 248 26.93 7.01 22.76
C ALA A 248 26.33 6.21 21.61
N ALA A 249 26.69 6.54 20.37
CA ALA A 249 26.15 5.82 19.22
C ALA A 249 26.58 4.35 19.25
N VAL A 250 27.86 4.11 19.51
CA VAL A 250 28.39 2.74 19.51
C VAL A 250 27.77 1.92 20.63
N LEU A 251 27.63 2.51 21.82
CA LEU A 251 27.04 1.78 22.94
C LEU A 251 25.57 1.45 22.68
N ALA A 252 24.84 2.38 22.05
CA ALA A 252 23.47 2.09 21.66
C ALA A 252 23.42 0.91 20.69
N TYR A 253 24.33 0.88 19.72
CA TYR A 253 24.42 -0.24 18.80
C TYR A 253 24.69 -1.55 19.54
N ASN A 254 25.63 -1.51 20.50
CA ASN A 254 25.90 -2.71 21.30
C ASN A 254 24.69 -3.12 22.12
N ASN A 255 23.98 -2.12 22.69
CA ASN A 255 22.81 -2.42 23.52
C ASN A 255 21.74 -3.14 22.73
N LEU A 256 21.45 -2.66 21.51
CA LEU A 256 20.43 -3.31 20.70
C LEU A 256 20.89 -4.66 20.19
N SER A 257 22.19 -4.78 19.87
CA SER A 257 22.70 -6.01 19.28
C SER A 257 22.52 -7.20 20.21
N VAL A 258 22.87 -7.03 21.49
CA VAL A 258 22.71 -8.14 22.42
C VAL A 258 21.24 -8.39 22.70
N PHE A 259 20.41 -7.35 22.57
CA PHE A 259 18.97 -7.52 22.76
C PHE A 259 18.36 -8.43 21.70
N ARG A 260 19.01 -8.57 20.54
CA ARG A 260 18.44 -9.39 19.48
C ARG A 260 18.18 -10.82 19.94
N GLN A 261 19.03 -11.35 20.85
CA GLN A 261 18.83 -12.70 21.35
C GLN A 261 17.48 -12.87 22.04
N GLN A 262 16.95 -11.81 22.63
CA GLN A 262 15.67 -11.87 23.34
C GLN A 262 14.50 -11.30 22.53
N MET A 263 14.74 -10.87 21.29
CA MET A 263 13.66 -10.40 20.43
C MET A 263 12.79 -11.57 20.01
N LYS A 264 11.49 -11.32 19.87
CA LYS A 264 10.63 -12.33 19.30
C LYS A 264 11.06 -12.62 17.87
N PRO A 265 11.02 -13.88 17.43
CA PRO A 265 11.58 -14.22 16.11
C PRO A 265 10.92 -13.51 14.95
N THR A 266 9.72 -12.96 15.13
CA THR A 266 9.05 -12.21 14.08
C THR A 266 9.41 -10.73 14.07
N TRP A 267 10.20 -10.27 15.03
CA TRP A 267 10.53 -8.85 15.13
C TRP A 267 11.76 -8.53 14.28
N ARG A 268 11.84 -7.27 13.85
CA ARG A 268 12.92 -6.83 12.98
C ARG A 268 13.41 -5.46 13.43
N VAL A 269 14.73 -5.30 13.45
CA VAL A 269 15.36 -4.05 13.87
C VAL A 269 16.53 -3.78 12.93
N HIS A 270 16.53 -2.63 12.28
CA HIS A 270 17.56 -2.25 11.33
C HIS A 270 17.88 -0.76 11.50
N GLY A 271 19.16 -0.41 11.39
CA GLY A 271 19.55 0.96 11.62
C GLY A 271 20.98 1.22 11.20
N ILE A 272 21.27 2.52 11.05
CA ILE A 272 22.58 2.99 10.60
C ILE A 272 23.05 4.11 11.52
N ILE A 273 24.36 4.35 11.49
CA ILE A 273 24.96 5.52 12.14
C ILE A 273 25.15 6.56 11.05
N LYS A 274 24.20 7.50 10.96
CA LYS A 274 24.26 8.52 9.93
C LYS A 274 25.45 9.46 10.13
N ASN A 275 25.64 9.95 11.36
CA ASN A 275 26.70 10.88 11.69
C ASN A 275 27.50 10.31 12.84
N GLY A 276 28.77 9.95 12.59
CA GLY A 276 29.62 9.40 13.61
C GLY A 276 30.90 10.18 13.83
N GLY A 277 30.85 11.48 13.59
CA GLY A 277 32.02 12.34 13.73
C GLY A 277 32.40 13.00 12.42
N VAL A 278 33.29 13.98 12.54
CA VAL A 278 33.71 14.76 11.38
C VAL A 278 35.23 14.73 11.26
N LYS A 279 35.93 15.00 12.36
CA LYS A 279 37.39 15.03 12.36
C LYS A 279 37.91 14.28 13.58
N PRO A 280 38.95 13.47 13.44
CA PRO A 280 39.43 12.66 14.56
C PRO A 280 40.08 13.46 15.68
N ASN A 281 40.58 14.67 15.41
CA ASN A 281 41.26 15.44 16.44
C ASN A 281 40.30 16.21 17.35
N ILE A 282 39.00 16.20 17.04
CA ILE A 282 37.98 16.78 17.91
C ILE A 282 37.11 15.65 18.42
N ILE A 283 36.98 15.57 19.75
CA ILE A 283 36.10 14.57 20.36
C ILE A 283 34.69 14.86 19.88
N PRO A 284 34.01 13.90 19.24
CA PRO A 284 32.69 14.18 18.66
C PRO A 284 31.68 14.56 19.73
N SER A 285 31.07 15.73 19.56
CA SER A 285 30.02 16.21 20.46
C SER A 285 28.64 16.02 19.87
N TYR A 286 28.53 15.32 18.74
CA TYR A 286 27.24 15.08 18.11
C TYR A 286 27.32 13.77 17.34
N SER A 287 26.26 12.96 17.46
CA SER A 287 26.10 11.76 16.66
C SER A 287 24.61 11.57 16.37
N GLU A 288 24.31 10.76 15.36
CA GLU A 288 22.94 10.62 14.90
C GLU A 288 22.73 9.23 14.31
N LEU A 289 21.69 8.55 14.78
CA LEU A 289 21.33 7.23 14.28
C LEU A 289 19.93 7.29 13.69
N ILE A 290 19.66 6.40 12.72
CA ILE A 290 18.35 6.28 12.11
C ILE A 290 17.97 4.80 12.12
N TYR A 291 16.85 4.49 12.77
CA TYR A 291 16.40 3.12 12.95
C TYR A 291 14.93 2.98 12.56
N TYR A 292 14.54 1.76 12.22
CA TYR A 292 13.15 1.40 12.06
C TYR A 292 12.92 0.03 12.68
N PHE A 293 11.76 -0.14 13.32
CA PHE A 293 11.38 -1.38 13.99
C PHE A 293 10.10 -1.93 13.37
N ARG A 294 9.98 -3.26 13.36
CA ARG A 294 8.82 -3.92 12.80
C ARG A 294 8.35 -5.03 13.71
N ALA A 295 7.03 -5.20 13.80
CA ALA A 295 6.40 -6.25 14.60
C ALA A 295 5.03 -6.56 13.99
N PRO A 296 4.53 -7.79 14.17
CA PRO A 296 3.26 -8.17 13.52
C PRO A 296 2.03 -7.48 14.08
N SER A 297 2.10 -6.84 15.24
CA SER A 297 0.95 -6.13 15.81
C SER A 297 1.41 -4.83 16.43
N MET A 298 0.45 -3.93 16.68
CA MET A 298 0.78 -2.65 17.29
C MET A 298 1.19 -2.83 18.75
N LYS A 299 0.55 -3.78 19.45
CA LYS A 299 0.91 -4.00 20.85
C LYS A 299 2.33 -4.54 20.97
N GLU A 300 2.71 -5.48 20.10
CA GLU A 300 4.09 -5.95 20.09
C GLU A 300 5.05 -4.84 19.68
N LEU A 301 4.64 -3.99 18.73
CA LEU A 301 5.52 -2.93 18.28
C LEU A 301 5.80 -1.92 19.38
N GLN A 302 4.81 -1.66 20.25
CA GLN A 302 5.05 -0.75 21.37
C GLN A 302 6.03 -1.33 22.38
N VAL A 303 5.97 -2.64 22.60
CA VAL A 303 6.92 -3.30 23.50
C VAL A 303 8.32 -3.24 22.92
N LEU A 304 8.46 -3.55 21.62
CA LEU A 304 9.76 -3.48 20.97
C LEU A 304 10.31 -2.06 20.97
N THR A 305 9.45 -1.07 20.75
CA THR A 305 9.90 0.32 20.77
C THR A 305 10.37 0.75 22.15
N LYS A 306 9.71 0.25 23.20
CA LYS A 306 10.09 0.65 24.55
C LYS A 306 11.45 0.07 24.94
N LYS A 307 11.73 -1.18 24.56
CA LYS A 307 13.03 -1.77 24.85
C LYS A 307 14.13 -1.04 24.08
N ALA A 308 13.86 -0.64 22.84
CA ALA A 308 14.83 0.15 22.09
C ALA A 308 15.06 1.49 22.76
N GLU A 309 13.99 2.13 23.23
CA GLU A 309 14.12 3.39 23.96
C GLU A 309 15.05 3.24 25.16
N ASP A 310 14.91 2.14 25.90
CA ASP A 310 15.83 1.87 27.00
C ASP A 310 17.27 1.76 26.49
N CYS A 311 17.47 1.08 25.36
CA CYS A 311 18.82 0.93 24.82
C CYS A 311 19.41 2.29 24.43
N PHE A 312 18.58 3.17 23.86
CA PHE A 312 19.08 4.48 23.48
C PHE A 312 19.38 5.33 24.71
N ARG A 313 18.50 5.27 25.72
CA ARG A 313 18.73 6.08 26.91
C ARG A 313 19.90 5.57 27.74
N ALA A 314 20.13 4.25 27.74
CA ALA A 314 21.26 3.71 28.48
C ALA A 314 22.57 4.23 27.93
N ALA A 315 22.68 4.33 26.60
CA ALA A 315 23.91 4.86 25.99
C ALA A 315 24.16 6.29 26.44
N ALA A 316 23.09 7.09 26.56
CA ALA A 316 23.24 8.46 27.07
C ALA A 316 23.75 8.44 28.51
N LEU A 317 23.14 7.61 29.36
CA LEU A 317 23.59 7.52 30.75
C LEU A 317 25.05 7.08 30.84
N ALA A 318 25.44 6.08 30.04
CA ALA A 318 26.80 5.55 30.11
C ALA A 318 27.82 6.56 29.61
N SER A 319 27.46 7.34 28.60
CA SER A 319 28.40 8.29 28.00
C SER A 319 28.38 9.65 28.67
N GLY A 320 27.27 10.02 29.30
CA GLY A 320 27.10 11.34 29.88
C GLY A 320 26.45 12.34 28.96
N CYS A 321 26.04 11.92 27.76
CA CYS A 321 25.41 12.79 26.78
C CYS A 321 23.91 12.89 27.04
N THR A 322 23.30 13.91 26.47
CA THR A 322 21.85 13.99 26.37
C THR A 322 21.41 13.45 25.01
N VAL A 323 20.13 13.13 24.89
CA VAL A 323 19.62 12.38 23.75
C VAL A 323 18.24 12.89 23.37
N GLU A 324 18.01 13.01 22.06
CA GLU A 324 16.68 13.26 21.51
C GLU A 324 16.24 12.03 20.73
N ILE A 325 15.09 11.49 21.08
CA ILE A 325 14.50 10.34 20.39
C ILE A 325 13.24 10.83 19.70
N LYS A 326 13.29 10.95 18.37
CA LYS A 326 12.20 11.52 17.59
C LYS A 326 11.61 10.44 16.69
N GLY A 327 10.38 10.03 17.00
CA GLY A 327 9.71 9.05 16.18
C GLY A 327 9.25 9.62 14.85
N GLY A 328 8.98 8.73 13.91
CA GLY A 328 8.53 9.16 12.60
C GLY A 328 7.17 9.83 12.67
N ALA A 329 6.86 10.58 11.60
CA ALA A 329 5.60 11.32 11.55
C ALA A 329 4.41 10.38 11.57
N HIS A 330 4.53 9.23 10.90
CA HIS A 330 3.43 8.27 10.79
C HIS A 330 3.96 6.87 11.05
N ASP A 331 3.32 6.17 12.00
CA ASP A 331 3.53 4.74 12.15
C ASP A 331 2.70 4.00 11.11
N PHE A 332 3.29 2.97 10.50
CA PHE A 332 2.58 2.13 9.56
C PHE A 332 1.96 0.95 10.30
N TYR A 333 0.72 0.62 9.96
CA TYR A 333 -0.01 -0.46 10.62
C TYR A 333 0.17 -1.76 9.86
N ASN A 334 0.06 -2.88 10.59
CA ASN A 334 0.00 -4.17 9.92
C ASN A 334 -1.31 -4.29 9.16
N VAL A 335 -1.31 -5.17 8.15
CA VAL A 335 -2.48 -5.32 7.28
C VAL A 335 -3.45 -6.30 7.94
N LEU A 336 -4.68 -5.86 8.12
CA LEU A 336 -5.70 -6.73 8.68
C LEU A 336 -6.30 -7.59 7.58
N PRO A 337 -6.28 -8.92 7.71
CA PRO A 337 -6.93 -9.77 6.71
C PRO A 337 -8.45 -9.79 6.90
N ASN A 338 -9.13 -10.24 5.84
CA ASN A 338 -10.59 -10.38 5.86
C ASN A 338 -10.92 -11.70 5.18
N LYS A 339 -11.27 -12.71 5.99
CA LYS A 339 -11.43 -14.07 5.48
C LYS A 339 -12.49 -14.13 4.38
N SER A 340 -13.62 -13.46 4.57
CA SER A 340 -14.70 -13.52 3.58
C SER A 340 -14.24 -12.93 2.25
N LEU A 341 -13.62 -11.74 2.30
CA LEU A 341 -13.18 -11.10 1.07
C LEU A 341 -12.09 -11.90 0.38
N TRP A 342 -11.14 -12.44 1.16
CA TRP A 342 -10.05 -13.21 0.56
C TRP A 342 -10.55 -14.52 -0.05
N LYS A 343 -11.47 -15.20 0.63
CA LYS A 343 -12.00 -16.45 0.09
C LYS A 343 -12.81 -16.20 -1.17
N ALA A 344 -13.52 -15.08 -1.23
CA ALA A 344 -14.25 -14.74 -2.45
C ALA A 344 -13.30 -14.36 -3.57
N TYR A 345 -12.17 -13.71 -3.23
CA TYR A 345 -11.20 -13.35 -4.26
C TYR A 345 -10.51 -14.58 -4.83
N MET A 346 -10.15 -15.54 -3.98
N MET A 346 -10.15 -15.54 -3.98
CA MET A 346 -9.47 -16.74 -4.47
CA MET A 346 -9.48 -16.75 -4.46
C MET A 346 -10.38 -17.57 -5.37
C MET A 346 -10.37 -17.55 -5.38
N GLU A 347 -11.68 -17.59 -5.09
CA GLU A 347 -12.60 -18.36 -5.95
C GLU A 347 -12.70 -17.74 -7.34
N ASN A 348 -12.56 -16.42 -7.46
CA ASN A 348 -12.55 -15.81 -8.78
C ASN A 348 -11.23 -16.08 -9.50
N GLY A 349 -10.11 -15.86 -8.81
CA GLY A 349 -8.82 -16.08 -9.44
C GLY A 349 -8.63 -17.49 -9.96
N ARG A 350 -9.14 -18.48 -9.22
CA ARG A 350 -9.06 -19.86 -9.69
C ARG A 350 -9.79 -20.04 -11.02
N LYS A 351 -10.87 -19.30 -11.24
CA LYS A 351 -11.56 -19.37 -12.51
C LYS A 351 -10.73 -18.71 -13.62
N LEU A 352 -10.00 -17.63 -13.29
CA LEU A 352 -9.14 -16.99 -14.27
C LEU A 352 -7.89 -17.79 -14.58
N GLY A 353 -7.59 -18.81 -13.79
CA GLY A 353 -6.40 -19.62 -13.99
C GLY A 353 -5.25 -19.30 -13.06
N ILE A 354 -5.47 -18.50 -12.02
CA ILE A 354 -4.41 -18.13 -11.10
C ILE A 354 -4.22 -19.24 -10.08
N GLU A 355 -2.98 -19.69 -9.90
CA GLU A 355 -2.65 -20.68 -8.88
C GLU A 355 -2.00 -19.97 -7.69
N PHE A 356 -2.50 -20.26 -6.49
CA PHE A 356 -2.04 -19.63 -5.27
C PHE A 356 -1.13 -20.56 -4.49
N ILE A 357 -0.44 -19.99 -3.50
CA ILE A 357 0.46 -20.76 -2.65
C ILE A 357 -0.31 -21.36 -1.47
N PRO A 366 6.39 -9.88 2.38
CA PRO A 366 6.54 -9.37 1.00
C PRO A 366 7.63 -8.30 0.90
N SER A 367 7.33 -7.20 0.20
CA SER A 367 8.31 -6.13 0.07
C SER A 367 8.71 -5.57 1.43
N GLY A 368 7.74 -5.40 2.33
CA GLY A 368 8.04 -4.95 3.68
C GLY A 368 6.82 -4.55 4.49
N SER A 369 6.60 -3.25 4.63
N SER A 369 6.60 -3.25 4.63
CA SER A 369 5.43 -2.71 5.32
CA SER A 369 5.43 -2.71 5.32
C SER A 369 4.84 -1.60 4.48
C SER A 369 4.83 -1.61 4.46
N THR A 370 3.51 -1.52 4.45
CA THR A 370 2.80 -0.58 3.58
C THR A 370 1.75 0.20 4.36
N ASP A 371 1.52 1.44 3.92
CA ASP A 371 0.49 2.26 4.53
C ASP A 371 -0.93 1.75 4.25
N PHE A 372 -1.08 0.72 3.40
CA PHE A 372 -2.38 0.09 3.25
C PHE A 372 -2.84 -0.56 4.55
N GLY A 373 -1.91 -0.92 5.44
CA GLY A 373 -2.28 -1.44 6.74
C GLY A 373 -3.11 -0.45 7.54
N ASN A 374 -2.76 0.84 7.45
CA ASN A 374 -3.58 1.87 8.09
C ASN A 374 -4.96 1.94 7.45
N VAL A 375 -5.04 1.76 6.13
CA VAL A 375 -6.34 1.74 5.46
C VAL A 375 -7.15 0.55 5.94
N SER A 376 -6.56 -0.65 5.95
CA SER A 376 -7.27 -1.87 6.33
C SER A 376 -7.79 -1.83 7.76
N PHE A 377 -7.33 -0.88 8.58
CA PHE A 377 -7.85 -0.72 9.94
C PHE A 377 -9.12 0.10 9.99
N VAL A 378 -9.44 0.84 8.93
CA VAL A 378 -10.65 1.67 8.90
C VAL A 378 -11.63 1.23 7.82
N VAL A 379 -11.19 0.58 6.76
CA VAL A 379 -12.08 0.05 5.73
C VAL A 379 -11.70 -1.41 5.48
N PRO A 380 -12.66 -2.32 5.41
CA PRO A 380 -12.35 -3.69 4.96
C PRO A 380 -11.71 -3.66 3.58
N GLY A 381 -10.60 -4.40 3.43
CA GLY A 381 -9.90 -4.42 2.16
C GLY A 381 -9.12 -5.71 1.95
N ILE A 382 -8.59 -5.86 0.73
CA ILE A 382 -7.68 -6.94 0.39
C ILE A 382 -6.55 -6.37 -0.45
N HIS A 383 -5.37 -6.96 -0.29
CA HIS A 383 -4.14 -6.48 -0.91
C HIS A 383 -3.37 -7.67 -1.49
N PRO A 384 -3.96 -8.38 -2.44
CA PRO A 384 -3.30 -9.59 -2.96
C PRO A 384 -2.02 -9.26 -3.73
N TYR A 385 -1.08 -10.18 -3.65
CA TYR A 385 0.16 -10.10 -4.41
C TYR A 385 0.08 -11.05 -5.59
N PHE A 386 0.59 -10.62 -6.75
CA PHE A 386 0.51 -11.43 -7.95
C PHE A 386 1.87 -11.48 -8.64
N HIS A 387 2.08 -12.57 -9.39
CA HIS A 387 3.32 -12.82 -10.11
C HIS A 387 3.20 -12.30 -11.55
N ILE A 388 4.31 -11.81 -12.08
CA ILE A 388 4.31 -11.08 -13.35
C ILE A 388 5.27 -11.69 -14.38
N GLY A 389 5.65 -12.95 -14.22
CA GLY A 389 6.47 -13.61 -15.23
C GLY A 389 7.96 -13.54 -15.00
N SER A 390 8.39 -13.27 -13.76
CA SER A 390 9.80 -13.09 -13.48
C SER A 390 10.15 -13.73 -12.14
N ASN A 391 11.41 -14.11 -12.00
CA ASN A 391 11.96 -14.60 -10.75
C ASN A 391 12.72 -13.53 -9.99
N ALA A 392 12.89 -12.35 -10.57
CA ALA A 392 13.61 -11.27 -9.91
C ALA A 392 12.90 -10.87 -8.63
N LEU A 393 13.67 -10.30 -7.70
CA LEU A 393 13.15 -9.89 -6.41
C LEU A 393 12.70 -8.42 -6.48
N ASN A 394 11.71 -8.10 -5.65
CA ASN A 394 11.25 -6.71 -5.57
C ASN A 394 12.38 -5.80 -5.07
N HIS A 395 12.34 -4.56 -5.53
CA HIS A 395 13.30 -3.53 -5.14
C HIS A 395 14.72 -3.85 -5.61
N THR A 396 14.84 -4.62 -6.68
CA THR A 396 16.11 -4.83 -7.37
C THR A 396 16.00 -4.32 -8.80
N GLU A 397 17.17 -4.07 -9.40
CA GLU A 397 17.22 -3.52 -10.75
C GLU A 397 16.53 -4.43 -11.76
N GLN A 398 16.67 -5.76 -11.59
CA GLN A 398 16.05 -6.68 -12.54
C GLN A 398 14.53 -6.70 -12.42
N TYR A 399 13.97 -6.30 -11.28
CA TYR A 399 12.52 -6.21 -11.21
C TYR A 399 11.99 -5.02 -12.00
N THR A 400 12.75 -3.91 -12.04
CA THR A 400 12.36 -2.80 -12.90
C THR A 400 12.20 -3.25 -14.35
N GLU A 401 13.08 -4.15 -14.79
CA GLU A 401 12.97 -4.69 -16.15
C GLU A 401 11.65 -5.42 -16.33
N ALA A 402 11.31 -6.29 -15.37
CA ALA A 402 10.08 -7.07 -15.48
C ALA A 402 8.85 -6.17 -15.41
N ALA A 403 8.87 -5.19 -14.49
CA ALA A 403 7.71 -4.33 -14.29
C ALA A 403 7.31 -3.61 -15.57
N GLY A 404 8.27 -3.25 -16.41
CA GLY A 404 8.00 -2.56 -17.66
C GLY A 404 7.89 -3.46 -18.87
N SER A 405 8.07 -4.76 -18.71
CA SER A 405 8.09 -5.69 -19.83
C SER A 405 6.70 -5.88 -20.42
N GLN A 406 6.68 -6.30 -21.68
CA GLN A 406 5.42 -6.69 -22.30
C GLN A 406 4.82 -7.93 -21.63
N GLU A 407 5.67 -8.82 -21.14
CA GLU A 407 5.18 -10.08 -20.57
C GLU A 407 4.40 -9.84 -19.28
N ALA A 408 4.71 -8.77 -18.55
CA ALA A 408 3.99 -8.50 -17.30
C ALA A 408 2.56 -8.02 -17.52
N GLN A 409 2.22 -7.59 -18.75
CA GLN A 409 0.89 -7.01 -18.98
C GLN A 409 -0.21 -8.05 -18.85
N PHE A 410 0.05 -9.29 -19.28
CA PHE A 410 -0.97 -10.33 -19.18
C PHE A 410 -1.34 -10.62 -17.73
N TYR A 411 -0.32 -10.80 -16.86
CA TYR A 411 -0.59 -11.08 -15.46
C TYR A 411 -1.27 -9.92 -14.76
N THR A 412 -0.92 -8.68 -15.14
CA THR A 412 -1.52 -7.52 -14.50
C THR A 412 -3.02 -7.42 -14.82
N LEU A 413 -3.37 -7.55 -16.09
CA LEU A 413 -4.78 -7.48 -16.46
C LEU A 413 -5.56 -8.66 -15.89
N ARG A 414 -4.92 -9.82 -15.77
CA ARG A 414 -5.61 -10.99 -15.22
C ARG A 414 -6.01 -10.74 -13.77
N THR A 415 -5.08 -10.22 -12.95
CA THR A 415 -5.41 -9.95 -11.56
C THR A 415 -6.40 -8.80 -11.42
N ALA A 416 -6.36 -7.83 -12.34
CA ALA A 416 -7.39 -6.80 -12.34
C ALA A 416 -8.76 -7.40 -12.60
N LYS A 417 -8.83 -8.41 -13.48
CA LYS A 417 -10.08 -9.14 -13.69
C LYS A 417 -10.56 -9.79 -12.40
N ALA A 418 -9.63 -10.36 -11.63
CA ALA A 418 -10.01 -11.02 -10.38
C ALA A 418 -10.56 -10.01 -9.38
N LEU A 419 -9.93 -8.84 -9.28
CA LEU A 419 -10.44 -7.80 -8.38
C LEU A 419 -11.84 -7.36 -8.77
N ALA A 420 -12.05 -7.12 -10.07
CA ALA A 420 -13.34 -6.61 -10.53
C ALA A 420 -14.46 -7.59 -10.27
N MET A 421 -14.23 -8.88 -10.53
CA MET A 421 -15.24 -9.88 -10.24
C MET A 421 -15.51 -9.97 -8.75
N THR A 422 -14.47 -9.80 -7.92
CA THR A 422 -14.67 -9.80 -6.48
C THR A 422 -15.52 -8.61 -6.04
N ALA A 423 -15.32 -7.45 -6.68
CA ALA A 423 -16.18 -6.31 -6.40
C ALA A 423 -17.63 -6.61 -6.80
N LEU A 424 -17.82 -7.33 -7.91
CA LEU A 424 -19.17 -7.70 -8.32
C LEU A 424 -19.82 -8.63 -7.30
N ASP A 425 -19.03 -9.53 -6.70
CA ASP A 425 -19.56 -10.39 -5.64
C ASP A 425 -20.13 -9.57 -4.50
N VAL A 426 -19.38 -8.58 -4.01
CA VAL A 426 -19.85 -7.76 -2.90
C VAL A 426 -21.13 -7.03 -3.27
N ILE A 427 -21.25 -6.62 -4.53
CA ILE A 427 -22.40 -5.82 -4.94
C ILE A 427 -23.68 -6.64 -4.91
N PHE A 428 -23.61 -7.91 -5.30
CA PHE A 428 -24.80 -8.72 -5.53
C PHE A 428 -25.02 -9.81 -4.49
N LYS A 429 -24.11 -9.98 -3.53
CA LYS A 429 -24.25 -10.97 -2.47
C LYS A 429 -24.31 -10.25 -1.13
N PRO A 430 -25.50 -9.88 -0.65
CA PRO A 430 -25.59 -9.22 0.66
C PRO A 430 -25.06 -10.06 1.79
N GLU A 431 -25.21 -11.39 1.70
CA GLU A 431 -24.61 -12.28 2.70
C GLU A 431 -23.10 -12.13 2.75
N LEU A 432 -22.47 -11.85 1.62
CA LEU A 432 -21.03 -11.62 1.62
C LEU A 432 -20.68 -10.31 2.31
N LEU A 433 -21.44 -9.25 2.05
CA LEU A 433 -21.15 -7.94 2.63
C LEU A 433 -21.18 -7.99 4.15
N GLU A 434 -22.20 -8.63 4.71
CA GLU A 434 -22.26 -8.79 6.16
C GLU A 434 -21.12 -9.68 6.66
N GLY A 435 -20.74 -10.69 5.87
CA GLY A 435 -19.61 -11.52 6.26
C GLY A 435 -18.31 -10.74 6.30
N ILE A 436 -18.11 -9.83 5.35
CA ILE A 436 -16.92 -8.98 5.37
C ILE A 436 -16.95 -8.07 6.58
N ARG A 437 -18.13 -7.54 6.90
CA ARG A 437 -18.23 -6.61 8.03
C ARG A 437 -18.08 -7.31 9.36
N GLU A 438 -18.56 -8.56 9.47
CA GLU A 438 -18.36 -9.33 10.69
C GLU A 438 -16.87 -9.62 10.92
N ASP A 439 -16.19 -10.15 9.90
CA ASP A 439 -14.77 -10.44 10.03
C ASP A 439 -13.95 -9.20 10.30
N PHE A 440 -14.36 -8.06 9.72
CA PHE A 440 -13.64 -6.81 9.97
C PHE A 440 -13.81 -6.35 11.42
N LYS A 441 -15.02 -6.52 11.97
CA LYS A 441 -15.29 -6.10 13.34
C LYS A 441 -14.52 -6.95 14.34
N LEU A 442 -14.46 -8.26 14.13
CA LEU A 442 -13.81 -9.14 15.09
C LEU A 442 -12.30 -8.91 15.11
N LYS A 443 -11.68 -8.83 13.93
CA LYS A 443 -10.25 -8.58 13.86
C LYS A 443 -9.88 -7.25 14.53
N LEU A 444 -10.81 -6.29 14.51
CA LEU A 444 -10.53 -4.99 15.13
C LEU A 444 -10.44 -5.11 16.65
N GLN A 445 -11.19 -6.02 17.26
CA GLN A 445 -11.11 -6.19 18.71
C GLN A 445 -9.83 -6.88 19.13
N GLU A 446 -9.40 -7.90 18.38
CA GLU A 446 -8.16 -8.62 18.72
C GLU A 446 -6.94 -7.72 18.67
N GLU A 447 -6.98 -6.63 17.88
CA GLU A 447 -5.91 -5.65 17.87
C GLU A 447 -6.16 -4.50 18.83
N GLN A 448 -6.84 -4.78 19.94
CA GLN A 448 -7.14 -3.78 20.98
C GLN A 448 -7.87 -2.56 20.40
P PO4 B . 8.84 1.96 3.70
O1 PO4 B . 9.86 2.89 4.30
O2 PO4 B . 9.40 1.34 2.44
O3 PO4 B . 8.50 0.88 4.69
O4 PO4 B . 7.59 2.73 3.36
P PO4 C . -21.05 -11.26 -25.82
O1 PO4 C . -20.45 -9.89 -25.60
O2 PO4 C . -21.61 -11.36 -27.22
O3 PO4 C . -19.97 -12.31 -25.64
O4 PO4 C . -22.16 -11.49 -24.81
ZN ZN D . 7.75 -1.24 -2.61
ZN ZN E . 5.41 -1.49 -3.14
#